data_3TVA
#
_entry.id   3TVA
#
_cell.length_a   105.324
_cell.length_b   105.324
_cell.length_c   178.936
_cell.angle_alpha   90.00
_cell.angle_beta   90.00
_cell.angle_gamma   90.00
#
_symmetry.space_group_name_H-M   'P 41 2 2'
#
loop_
_entity.id
_entity.type
_entity.pdbx_description
1 polymer 'Xylose isomerase domain protein TIM barrel'
2 non-polymer 'MAGNESIUM ION'
3 non-polymer GLYCEROL
4 non-polymer 'CHLORIDE ION'
5 water water
#
_entity_poly.entity_id   1
_entity_poly.type   'polypeptide(L)'
_entity_poly.pdbx_seq_one_letter_code
;SNA(MSE)TSHKPYWPIGVFTSVDAGLGVHLEVAQDLKVPTVQVHAPHPHTRTREHAQAFRAKCDAAGIQVTVIFGGFDG
ESYADIPTTARTVGLVPLETRASRVAE(MSE)KEISDFASWVGCPAIGLHIGFVPESSSPDYSELVRVTQDLLTHAANHG
QAVHLETGQESADHLLEFIEDVNRPNLGINFDPAN(MSE)ILYGTGNPIEALRKVARYVRSIHCKDALWAPVNERGKSWG
QEVALGTGDVG(MSE)EAYLTTLWEIGYRGPLTIEREIPHDPVQQKKDLASALELLTGLRKKIANC
;
_entity_poly.pdbx_strand_id   A,B
#
# COMPACT_ATOMS: atom_id res chain seq x y z
N PRO A 9 -8.27 3.30 -16.14
CA PRO A 9 -9.58 3.91 -15.87
C PRO A 9 -9.94 3.84 -14.38
N TYR A 10 -10.46 4.94 -13.86
CA TYR A 10 -10.76 5.05 -12.44
C TYR A 10 -11.99 4.25 -12.14
N TRP A 11 -12.04 3.72 -10.91
CA TRP A 11 -13.27 3.14 -10.37
C TRP A 11 -13.95 2.13 -11.30
N PRO A 12 -13.18 1.14 -11.82
CA PRO A 12 -13.92 0.10 -12.57
C PRO A 12 -14.89 -0.57 -11.60
N ILE A 13 -16.09 -0.88 -12.06
CA ILE A 13 -17.08 -1.50 -11.18
C ILE A 13 -16.85 -3.01 -11.08
N GLY A 14 -17.20 -3.59 -9.94
CA GLY A 14 -17.00 -5.01 -9.76
C GLY A 14 -18.14 -5.56 -8.94
N VAL A 15 -18.22 -6.88 -8.89
CA VAL A 15 -19.17 -7.52 -8.00
C VAL A 15 -18.44 -8.59 -7.19
N PHE A 16 -18.98 -8.88 -6.02
CA PHE A 16 -18.38 -9.86 -5.15
C PHE A 16 -18.96 -11.21 -5.56
N THR A 17 -18.11 -12.17 -5.90
N THR A 17 -18.09 -12.16 -5.88
CA THR A 17 -18.56 -13.43 -6.45
CA THR A 17 -18.46 -13.42 -6.54
C THR A 17 -18.11 -14.62 -5.60
C THR A 17 -18.00 -14.66 -5.73
N SER A 18 -18.72 -15.77 -5.86
CA SER A 18 -18.35 -17.03 -5.21
C SER A 18 -18.18 -18.08 -6.30
N VAL A 19 -17.15 -18.93 -6.19
CA VAL A 19 -17.12 -20.16 -6.98
C VAL A 19 -18.09 -21.23 -6.44
N ASP A 20 -17.92 -21.56 -5.17
CA ASP A 20 -18.87 -22.38 -4.42
C ASP A 20 -19.19 -21.76 -3.04
N ALA A 21 -18.18 -21.74 -2.17
CA ALA A 21 -18.34 -21.21 -0.82
C ALA A 21 -18.62 -19.72 -0.82
N GLY A 22 -19.26 -19.22 0.23
CA GLY A 22 -19.53 -17.79 0.36
C GLY A 22 -20.87 -17.34 -0.18
N LEU A 23 -21.15 -16.04 0.01
CA LEU A 23 -22.44 -15.42 -0.36
C LEU A 23 -22.49 -14.64 -1.71
N GLY A 24 -21.41 -14.67 -2.50
CA GLY A 24 -21.38 -13.95 -3.76
C GLY A 24 -22.17 -14.58 -4.91
N VAL A 25 -22.46 -13.81 -5.95
CA VAL A 25 -23.09 -14.38 -7.15
C VAL A 25 -22.07 -15.20 -7.90
N HIS A 26 -22.52 -16.11 -8.75
CA HIS A 26 -21.57 -16.87 -9.56
C HIS A 26 -20.98 -15.99 -10.65
N LEU A 27 -19.82 -16.40 -11.17
CA LEU A 27 -19.08 -15.62 -12.16
C LEU A 27 -19.89 -15.35 -13.42
N GLU A 28 -20.75 -16.29 -13.77
CA GLU A 28 -21.59 -16.16 -14.96
C GLU A 28 -22.50 -14.92 -14.87
N VAL A 29 -22.87 -14.55 -13.65
CA VAL A 29 -23.69 -13.37 -13.43
C VAL A 29 -22.86 -12.09 -13.65
N ALA A 30 -21.64 -12.09 -13.13
CA ALA A 30 -20.72 -10.97 -13.37
C ALA A 30 -20.53 -10.75 -14.86
N GLN A 31 -20.48 -11.86 -15.62
CA GLN A 31 -20.34 -11.83 -17.07
C GLN A 31 -21.52 -11.19 -17.77
N ASP A 32 -22.71 -11.64 -17.39
N ASP A 32 -22.72 -11.60 -17.41
CA ASP A 32 -23.96 -11.09 -17.92
CA ASP A 32 -23.93 -11.03 -18.01
C ASP A 32 -24.02 -9.58 -17.73
C ASP A 32 -24.02 -9.54 -17.74
N LEU A 33 -23.64 -9.12 -16.53
CA LEU A 33 -23.63 -7.69 -16.19
C LEU A 33 -22.46 -6.93 -16.84
N LYS A 34 -21.50 -7.68 -17.40
CA LYS A 34 -20.37 -7.11 -18.12
C LYS A 34 -19.40 -6.28 -17.27
N VAL A 35 -19.35 -6.55 -15.96
CA VAL A 35 -18.37 -5.89 -15.11
C VAL A 35 -16.96 -6.41 -15.41
N PRO A 36 -15.98 -5.49 -15.45
CA PRO A 36 -14.57 -5.81 -15.71
C PRO A 36 -13.82 -6.53 -14.57
N THR A 37 -14.27 -6.39 -13.33
CA THR A 37 -13.50 -6.90 -12.18
C THR A 37 -14.42 -7.58 -11.18
N VAL A 38 -13.85 -8.49 -10.40
CA VAL A 38 -14.58 -9.11 -9.30
C VAL A 38 -13.65 -9.30 -8.10
N GLN A 39 -14.25 -9.39 -6.92
CA GLN A 39 -13.61 -10.01 -5.78
C GLN A 39 -14.26 -11.38 -5.65
N VAL A 40 -13.51 -12.35 -5.15
CA VAL A 40 -14.00 -13.71 -5.13
C VAL A 40 -13.86 -14.30 -3.74
N HIS A 41 -14.94 -14.91 -3.25
CA HIS A 41 -14.81 -15.71 -2.05
C HIS A 41 -14.02 -16.98 -2.40
N ALA A 42 -13.01 -17.31 -1.60
CA ALA A 42 -12.18 -18.48 -1.88
C ALA A 42 -13.02 -19.75 -1.90
N PRO A 43 -12.71 -20.66 -2.81
CA PRO A 43 -13.45 -21.91 -2.94
C PRO A 43 -13.25 -22.80 -1.71
N HIS A 44 -14.11 -23.80 -1.59
CA HIS A 44 -13.97 -24.82 -0.55
C HIS A 44 -12.62 -25.53 -0.66
N PRO A 45 -12.13 -26.08 0.47
CA PRO A 45 -10.81 -26.72 0.53
C PRO A 45 -10.52 -27.72 -0.60
N HIS A 46 -11.50 -28.54 -0.95
N HIS A 46 -11.50 -28.54 -0.96
CA HIS A 46 -11.30 -29.57 -1.97
CA HIS A 46 -11.27 -29.57 -1.97
C HIS A 46 -11.20 -29.02 -3.39
C HIS A 46 -11.17 -29.00 -3.39
N THR A 47 -11.69 -27.79 -3.58
CA THR A 47 -11.61 -27.09 -4.86
C THR A 47 -10.46 -26.08 -4.97
N ARG A 48 -9.57 -26.12 -3.99
CA ARG A 48 -8.51 -25.15 -3.81
C ARG A 48 -7.12 -25.47 -4.39
N THR A 49 -6.97 -26.55 -5.16
CA THR A 49 -5.63 -26.92 -5.61
C THR A 49 -5.10 -26.03 -6.72
N ARG A 50 -3.85 -26.26 -7.11
CA ARG A 50 -3.23 -25.51 -8.19
C ARG A 50 -3.98 -25.73 -9.52
N GLU A 51 -4.44 -26.96 -9.74
CA GLU A 51 -5.15 -27.30 -10.97
C GLU A 51 -6.49 -26.56 -11.04
N HIS A 52 -7.18 -26.45 -9.90
CA HIS A 52 -8.39 -25.63 -9.79
C HIS A 52 -8.12 -24.13 -9.98
N ALA A 53 -6.98 -23.66 -9.49
CA ALA A 53 -6.67 -22.25 -9.59
C ALA A 53 -6.44 -21.91 -11.06
N GLN A 54 -5.79 -22.82 -11.76
CA GLN A 54 -5.47 -22.57 -13.16
C GLN A 54 -6.72 -22.59 -14.03
N ALA A 55 -7.65 -23.49 -13.72
CA ALA A 55 -8.94 -23.52 -14.40
C ALA A 55 -9.71 -22.22 -14.14
N PHE A 56 -9.71 -21.76 -12.89
CA PHE A 56 -10.47 -20.56 -12.54
C PHE A 56 -9.89 -19.31 -13.22
N ARG A 57 -8.56 -19.22 -13.24
N ARG A 57 -8.57 -19.18 -13.25
CA ARG A 57 -7.85 -18.16 -13.94
CA ARG A 57 -7.94 -18.06 -13.95
C ARG A 57 -8.23 -18.16 -15.42
C ARG A 57 -8.23 -18.14 -15.46
N ALA A 58 -8.22 -19.34 -16.03
CA ALA A 58 -8.60 -19.50 -17.44
C ALA A 58 -10.05 -19.06 -17.72
N LYS A 59 -10.95 -19.37 -16.78
CA LYS A 59 -12.35 -19.00 -16.91
C LYS A 59 -12.53 -17.47 -16.85
N CYS A 60 -11.89 -16.82 -15.87
CA CYS A 60 -11.92 -15.36 -15.77
C CYS A 60 -11.29 -14.69 -16.98
N ASP A 61 -10.20 -15.26 -17.49
N ASP A 61 -10.19 -15.23 -17.47
CA ASP A 61 -9.52 -14.75 -18.67
CA ASP A 61 -9.54 -14.69 -18.66
C ASP A 61 -10.44 -14.75 -19.88
C ASP A 61 -10.51 -14.72 -19.85
N ALA A 62 -11.14 -15.86 -20.09
CA ALA A 62 -12.07 -16.00 -21.21
C ALA A 62 -13.26 -15.04 -21.06
N ALA A 63 -13.60 -14.73 -19.82
CA ALA A 63 -14.73 -13.83 -19.55
C ALA A 63 -14.35 -12.34 -19.58
N GLY A 64 -13.07 -12.03 -19.76
CA GLY A 64 -12.62 -10.65 -19.68
C GLY A 64 -12.68 -10.05 -18.27
N ILE A 65 -12.49 -10.89 -17.25
CA ILE A 65 -12.66 -10.42 -15.89
C ILE A 65 -11.36 -10.51 -15.08
N GLN A 66 -11.03 -9.42 -14.41
CA GLN A 66 -9.87 -9.37 -13.52
C GLN A 66 -10.27 -9.61 -12.06
N VAL A 67 -9.55 -10.50 -11.38
CA VAL A 67 -9.82 -10.83 -9.97
C VAL A 67 -8.93 -9.96 -9.08
N THR A 68 -9.55 -9.05 -8.36
CA THR A 68 -8.83 -8.09 -7.51
C THR A 68 -8.48 -8.54 -6.07
N VAL A 69 -9.38 -9.28 -5.44
CA VAL A 69 -9.15 -9.78 -4.08
C VAL A 69 -9.80 -11.15 -3.95
N ILE A 70 -9.14 -12.06 -3.23
CA ILE A 70 -9.77 -13.33 -2.88
C ILE A 70 -10.01 -13.38 -1.36
N PHE A 71 -11.26 -13.58 -0.97
CA PHE A 71 -11.64 -13.46 0.44
C PHE A 71 -11.67 -14.79 1.16
N GLY A 72 -11.13 -14.83 2.37
CA GLY A 72 -11.27 -16.00 3.22
C GLY A 72 -12.64 -16.09 3.87
N GLY A 73 -13.04 -17.32 4.17
CA GLY A 73 -14.24 -17.60 4.94
C GLY A 73 -14.04 -19.03 5.38
N PHE A 74 -14.65 -19.43 6.50
CA PHE A 74 -14.27 -20.69 7.13
C PHE A 74 -15.46 -21.41 7.68
N ASP A 75 -15.34 -22.72 7.81
N ASP A 75 -15.33 -22.73 7.82
CA ASP A 75 -16.38 -23.53 8.42
CA ASP A 75 -16.35 -23.56 8.46
C ASP A 75 -16.53 -23.15 9.90
C ASP A 75 -16.52 -23.14 9.91
N GLY A 76 -17.76 -23.17 10.38
CA GLY A 76 -18.06 -22.86 11.77
C GLY A 76 -18.24 -21.38 12.05
N GLU A 77 -18.17 -20.55 11.01
CA GLU A 77 -18.41 -19.12 11.20
C GLU A 77 -19.91 -18.83 11.17
N SER A 78 -20.41 -18.14 12.18
CA SER A 78 -21.82 -17.79 12.16
C SER A 78 -22.07 -16.32 12.48
N TYR A 79 -22.81 -15.67 11.59
CA TYR A 79 -23.24 -14.27 11.72
C TYR A 79 -24.64 -14.10 12.34
N ALA A 80 -25.19 -15.19 12.90
CA ALA A 80 -26.59 -15.22 13.37
C ALA A 80 -26.97 -14.01 14.21
N ASP A 81 -26.09 -13.60 15.11
CA ASP A 81 -26.30 -12.36 15.83
C ASP A 81 -24.95 -11.78 16.19
N ILE A 82 -24.94 -10.61 16.84
CA ILE A 82 -23.67 -9.95 17.14
C ILE A 82 -22.76 -10.75 18.09
N PRO A 83 -23.31 -11.25 19.23
CA PRO A 83 -22.48 -12.08 20.10
C PRO A 83 -21.95 -13.36 19.45
N THR A 84 -22.72 -13.97 18.57
CA THR A 84 -22.29 -15.22 17.93
C THR A 84 -21.17 -14.93 16.96
N THR A 85 -21.23 -13.77 16.31
CA THR A 85 -20.19 -13.34 15.41
C THR A 85 -18.88 -13.23 16.19
N ALA A 86 -18.91 -12.52 17.31
CA ALA A 86 -17.70 -12.35 18.12
C ALA A 86 -17.14 -13.69 18.58
N ARG A 87 -18.03 -14.63 18.90
N ARG A 87 -18.05 -14.62 18.89
CA ARG A 87 -17.60 -15.94 19.39
CA ARG A 87 -17.68 -15.93 19.39
C ARG A 87 -17.08 -16.85 18.28
C ARG A 87 -17.12 -16.85 18.30
N THR A 88 -17.74 -16.84 17.12
CA THR A 88 -17.35 -17.75 16.02
C THR A 88 -16.56 -17.29 14.79
N VAL A 89 -16.30 -16.00 14.62
CA VAL A 89 -15.86 -15.52 13.31
C VAL A 89 -14.41 -15.10 13.35
N GLY A 90 -13.67 -15.44 12.30
CA GLY A 90 -12.33 -14.92 12.10
C GLY A 90 -11.23 -15.73 12.74
N LEU A 91 -10.07 -15.11 12.94
CA LEU A 91 -8.91 -15.77 13.53
C LEU A 91 -8.95 -15.65 15.03
N VAL A 92 -9.82 -14.78 15.53
CA VAL A 92 -9.87 -14.50 16.96
C VAL A 92 -10.27 -15.70 17.87
N PRO A 93 -11.36 -16.43 17.54
CA PRO A 93 -11.70 -17.59 18.39
C PRO A 93 -10.58 -18.61 18.50
N LEU A 94 -10.34 -19.09 19.72
CA LEU A 94 -9.14 -19.87 20.00
C LEU A 94 -9.19 -21.28 19.45
N GLU A 95 -10.35 -21.92 19.52
CA GLU A 95 -10.51 -23.31 19.09
C GLU A 95 -10.13 -23.50 17.62
N THR A 96 -10.61 -22.59 16.79
CA THR A 96 -10.44 -22.72 15.35
C THR A 96 -9.25 -21.92 14.79
N ARG A 97 -8.51 -21.26 15.67
CA ARG A 97 -7.48 -20.33 15.19
C ARG A 97 -6.39 -20.99 14.33
N ALA A 98 -5.77 -22.07 14.81
CA ALA A 98 -4.70 -22.71 14.05
C ALA A 98 -5.22 -23.17 12.67
N SER A 99 -6.45 -23.71 12.65
N SER A 99 -6.43 -23.71 12.67
CA SER A 99 -7.03 -24.20 11.41
CA SER A 99 -7.07 -24.18 11.44
C SER A 99 -7.32 -23.08 10.41
C SER A 99 -7.25 -23.06 10.43
N ARG A 100 -7.78 -21.94 10.91
CA ARG A 100 -8.11 -20.83 10.02
C ARG A 100 -6.88 -20.10 9.53
N VAL A 101 -5.86 -20.01 10.38
CA VAL A 101 -4.58 -19.47 9.94
C VAL A 101 -4.02 -20.31 8.79
N ALA A 102 -4.01 -21.64 8.95
CA ALA A 102 -3.53 -22.55 7.90
C ALA A 102 -4.40 -22.44 6.63
N GLU A 103 -5.71 -22.30 6.80
CA GLU A 103 -6.59 -22.08 5.67
C GLU A 103 -6.29 -20.78 4.93
N LYS A 105 -3.47 -19.30 4.73
CA LYS A 105 -2.25 -19.56 3.96
C LYS A 105 -2.49 -20.37 2.68
N GLU A 106 -3.37 -21.36 2.73
CA GLU A 106 -3.76 -22.07 1.49
C GLU A 106 -4.49 -21.14 0.53
N ILE A 107 -5.30 -20.23 1.07
CA ILE A 107 -6.01 -19.28 0.23
C ILE A 107 -5.01 -18.33 -0.42
N SER A 108 -3.99 -17.92 0.33
CA SER A 108 -2.87 -17.16 -0.22
C SER A 108 -2.15 -17.91 -1.35
N ASP A 109 -1.87 -19.21 -1.15
CA ASP A 109 -1.31 -20.04 -2.21
C ASP A 109 -2.23 -20.07 -3.46
N PHE A 110 -3.52 -20.27 -3.24
CA PHE A 110 -4.49 -20.29 -4.34
C PHE A 110 -4.52 -18.96 -5.09
N ALA A 111 -4.55 -17.85 -4.35
CA ALA A 111 -4.54 -16.51 -4.97
C ALA A 111 -3.28 -16.28 -5.81
N SER A 112 -2.14 -16.80 -5.33
CA SER A 112 -0.90 -16.71 -6.08
C SER A 112 -0.95 -17.48 -7.42
N TRP A 113 -1.49 -18.68 -7.40
CA TRP A 113 -1.67 -19.46 -8.62
C TRP A 113 -2.66 -18.79 -9.60
N VAL A 114 -3.67 -18.13 -9.04
CA VAL A 114 -4.65 -17.40 -9.83
C VAL A 114 -4.05 -16.11 -10.42
N GLY A 115 -3.07 -15.53 -9.73
CA GLY A 115 -2.47 -14.29 -10.16
C GLY A 115 -3.10 -13.07 -9.50
N CYS A 116 -3.80 -13.28 -8.40
CA CYS A 116 -4.45 -12.19 -7.68
C CYS A 116 -3.55 -11.64 -6.56
N PRO A 117 -3.28 -10.32 -6.59
CA PRO A 117 -2.37 -9.57 -5.72
C PRO A 117 -2.81 -9.44 -4.25
N ALA A 118 -4.06 -9.79 -3.95
CA ALA A 118 -4.56 -9.53 -2.62
C ALA A 118 -5.52 -10.58 -2.09
N ILE A 119 -5.46 -10.81 -0.78
CA ILE A 119 -6.45 -11.63 -0.11
C ILE A 119 -7.13 -10.81 0.97
N GLY A 120 -8.29 -11.26 1.44
CA GLY A 120 -9.00 -10.44 2.40
C GLY A 120 -9.68 -11.32 3.42
N LEU A 121 -9.89 -10.73 4.58
N LEU A 121 -10.00 -10.77 4.57
CA LEU A 121 -10.29 -11.45 5.77
CA LEU A 121 -10.79 -11.52 5.55
C LEU A 121 -11.07 -10.53 6.72
C LEU A 121 -11.40 -10.61 6.59
N HIS A 122 -12.18 -11.03 7.29
N HIS A 122 -12.40 -11.14 7.29
CA HIS A 122 -12.73 -10.41 8.49
CA HIS A 122 -12.88 -10.57 8.54
C HIS A 122 -12.06 -11.16 9.61
C HIS A 122 -12.02 -11.23 9.61
N ILE A 123 -11.17 -10.48 10.30
CA ILE A 123 -10.29 -11.12 11.28
C ILE A 123 -11.03 -11.50 12.59
N GLY A 124 -12.21 -10.94 12.81
CA GLY A 124 -12.97 -11.21 14.02
C GLY A 124 -12.94 -10.04 14.98
N PHE A 125 -13.42 -10.24 16.20
N PHE A 125 -13.45 -10.26 16.19
CA PHE A 125 -13.57 -9.09 17.09
CA PHE A 125 -13.55 -9.17 17.17
C PHE A 125 -12.27 -8.89 17.84
C PHE A 125 -12.15 -9.00 17.72
N VAL A 126 -11.53 -7.85 17.44
CA VAL A 126 -10.18 -7.60 17.94
C VAL A 126 -10.26 -7.21 19.42
N PRO A 127 -9.55 -7.95 20.27
CA PRO A 127 -9.51 -7.72 21.73
C PRO A 127 -8.92 -6.36 22.07
N GLU A 128 -9.22 -5.86 23.27
CA GLU A 128 -8.56 -4.67 23.80
C GLU A 128 -7.07 -4.91 23.82
N SER A 129 -6.29 -3.87 23.52
CA SER A 129 -4.83 -4.00 23.45
C SER A 129 -4.18 -4.38 24.78
N SER A 130 -4.87 -4.11 25.88
CA SER A 130 -4.41 -4.52 27.19
C SER A 130 -4.53 -6.04 27.42
N SER A 131 -5.36 -6.70 26.61
CA SER A 131 -5.63 -8.13 26.80
C SER A 131 -4.45 -9.03 26.43
N PRO A 132 -4.30 -10.16 27.14
CA PRO A 132 -3.22 -11.09 26.78
C PRO A 132 -3.40 -11.76 25.41
N ASP A 133 -4.64 -11.95 24.95
N ASP A 133 -4.67 -11.90 24.99
CA ASP A 133 -4.78 -12.54 23.62
CA ASP A 133 -5.00 -12.48 23.69
C ASP A 133 -4.53 -11.55 22.49
C ASP A 133 -4.62 -11.56 22.53
N TYR A 134 -4.45 -10.26 22.79
CA TYR A 134 -4.14 -9.25 21.74
C TYR A 134 -2.83 -9.46 21.07
N SER A 135 -1.87 -9.72 21.93
N SER A 135 -1.82 -9.70 21.93
CA SER A 135 -0.55 -9.93 21.43
CA SER A 135 -0.46 -9.98 21.45
C SER A 135 -0.39 -11.17 20.59
C SER A 135 -0.46 -11.13 20.50
N GLU A 136 -1.05 -12.24 20.97
CA GLU A 136 -1.07 -13.48 20.20
C GLU A 136 -1.74 -13.26 18.82
N LEU A 137 -2.77 -12.44 18.78
CA LEU A 137 -3.45 -12.13 17.52
C LEU A 137 -2.53 -11.31 16.59
N VAL A 138 -1.84 -10.33 17.15
CA VAL A 138 -0.79 -9.63 16.40
C VAL A 138 0.23 -10.60 15.79
N ARG A 139 0.82 -11.58 16.47
N ARG A 139 0.64 -11.59 16.56
CA ARG A 139 1.78 -12.49 15.85
CA ARG A 139 1.67 -12.51 16.12
C ARG A 139 1.18 -13.37 14.74
C ARG A 139 1.24 -13.43 14.97
N VAL A 140 -0.02 -13.87 14.96
CA VAL A 140 -0.53 -14.69 13.86
C VAL A 140 -0.79 -13.84 12.64
N THR A 141 -1.17 -12.59 12.84
CA THR A 141 -1.40 -11.67 11.72
C THR A 141 -0.10 -11.40 10.99
N GLN A 142 0.96 -11.11 11.75
CA GLN A 142 2.31 -10.92 11.20
C GLN A 142 2.77 -12.16 10.43
N ASP A 143 2.49 -13.31 11.02
CA ASP A 143 2.84 -14.58 10.39
C ASP A 143 2.13 -14.76 9.04
N LEU A 144 0.83 -14.48 9.00
CA LEU A 144 0.10 -14.53 7.73
C LEU A 144 0.64 -13.50 6.73
N LEU A 145 1.00 -12.31 7.23
CA LEU A 145 1.52 -11.26 6.36
C LEU A 145 2.85 -11.64 5.71
N THR A 146 3.67 -12.36 6.44
CA THR A 146 4.95 -12.85 5.91
C THR A 146 4.69 -13.84 4.76
N HIS A 147 3.71 -14.72 4.98
CA HIS A 147 3.39 -15.74 3.98
C HIS A 147 2.90 -15.06 2.71
N ALA A 148 2.02 -14.07 2.89
CA ALA A 148 1.53 -13.31 1.76
C ALA A 148 2.63 -12.50 1.06
N ALA A 149 3.51 -11.88 1.84
CA ALA A 149 4.64 -11.13 1.26
C ALA A 149 5.50 -12.03 0.38
N ASN A 150 5.71 -13.27 0.81
CA ASN A 150 6.49 -14.20 0.00
C ASN A 150 5.78 -14.53 -1.33
N HIS A 151 4.50 -14.23 -1.43
CA HIS A 151 3.77 -14.33 -2.70
C HIS A 151 3.63 -12.98 -3.44
N GLY A 152 4.18 -11.90 -2.89
CA GLY A 152 3.93 -10.59 -3.47
C GLY A 152 2.50 -10.10 -3.24
N GLN A 153 1.91 -10.50 -2.12
CA GLN A 153 0.49 -10.18 -1.88
C GLN A 153 0.30 -9.27 -0.69
N ALA A 154 -0.86 -8.60 -0.68
CA ALA A 154 -1.30 -7.80 0.44
C ALA A 154 -2.49 -8.50 1.11
N VAL A 155 -2.66 -8.27 2.41
CA VAL A 155 -3.84 -8.70 3.14
C VAL A 155 -4.72 -7.49 3.47
N HIS A 156 -6.00 -7.56 3.08
CA HIS A 156 -6.95 -6.47 3.31
C HIS A 156 -7.93 -6.87 4.42
N LEU A 157 -7.88 -6.17 5.55
CA LEU A 157 -8.83 -6.44 6.64
C LEU A 157 -10.18 -5.89 6.29
N GLU A 158 -11.19 -6.74 6.36
CA GLU A 158 -12.56 -6.30 6.14
C GLU A 158 -13.04 -5.49 7.35
N THR A 159 -13.78 -4.40 7.11
CA THR A 159 -14.32 -3.58 8.20
C THR A 159 -15.19 -4.40 9.15
N GLY A 160 -14.81 -4.35 10.42
CA GLY A 160 -15.40 -5.15 11.48
C GLY A 160 -16.26 -4.37 12.47
N GLN A 161 -16.33 -4.89 13.67
CA GLN A 161 -17.03 -4.23 14.77
C GLN A 161 -16.16 -3.18 15.47
N GLU A 162 -14.85 -3.20 15.20
CA GLU A 162 -13.95 -2.27 15.86
C GLU A 162 -14.29 -0.83 15.48
N SER A 163 -14.14 0.06 16.43
CA SER A 163 -14.12 1.48 16.11
C SER A 163 -12.91 1.75 15.22
N ALA A 164 -12.95 2.83 14.44
CA ALA A 164 -11.82 3.19 13.58
C ALA A 164 -10.54 3.37 14.40
N ASP A 165 -10.65 3.95 15.59
CA ASP A 165 -9.49 4.14 16.45
C ASP A 165 -8.81 2.82 16.85
N HIS A 166 -9.61 1.82 17.23
N HIS A 166 -9.60 1.82 17.23
CA HIS A 166 -9.11 0.51 17.66
CA HIS A 166 -9.04 0.54 17.66
C HIS A 166 -8.44 -0.20 16.48
C HIS A 166 -8.43 -0.21 16.47
N LEU A 167 -9.07 -0.12 15.31
CA LEU A 167 -8.53 -0.70 14.09
C LEU A 167 -7.18 -0.08 13.71
N LEU A 168 -7.10 1.24 13.81
CA LEU A 168 -5.84 1.93 13.54
C LEU A 168 -4.74 1.46 14.50
N GLU A 169 -5.11 1.33 15.77
CA GLU A 169 -4.19 0.87 16.78
C GLU A 169 -3.65 -0.55 16.42
N PHE A 170 -4.54 -1.42 15.96
CA PHE A 170 -4.17 -2.79 15.61
C PHE A 170 -3.23 -2.78 14.44
N ILE A 171 -3.60 -2.01 13.41
CA ILE A 171 -2.79 -1.92 12.20
C ILE A 171 -1.40 -1.37 12.53
N GLU A 172 -1.37 -0.40 13.41
N GLU A 172 -1.35 -0.38 13.40
CA GLU A 172 -0.12 0.23 13.82
CA GLU A 172 -0.09 0.23 13.80
C GLU A 172 0.76 -0.73 14.63
C GLU A 172 0.77 -0.77 14.59
N ASP A 173 0.12 -1.57 15.44
CA ASP A 173 0.83 -2.58 16.21
C ASP A 173 1.39 -3.71 15.33
N VAL A 174 0.63 -4.13 14.34
CA VAL A 174 1.11 -5.16 13.42
C VAL A 174 2.29 -4.59 12.61
N ASN A 175 2.12 -3.37 12.11
CA ASN A 175 3.20 -2.60 11.46
C ASN A 175 3.90 -3.34 10.30
N ARG A 176 3.15 -3.70 9.26
N ARG A 176 3.15 -3.76 9.30
CA ARG A 176 3.68 -4.38 8.08
CA ARG A 176 3.72 -4.37 8.10
C ARG A 176 3.19 -3.63 6.84
C ARG A 176 3.19 -3.67 6.84
N PRO A 177 4.06 -3.49 5.83
CA PRO A 177 3.72 -2.68 4.64
C PRO A 177 2.66 -3.30 3.74
N ASN A 178 2.46 -4.61 3.81
CA ASN A 178 1.45 -5.28 3.00
C ASN A 178 0.09 -5.47 3.70
N LEU A 179 -0.08 -4.83 4.86
CA LEU A 179 -1.39 -4.85 5.52
C LEU A 179 -2.23 -3.62 5.20
N GLY A 180 -3.50 -3.86 4.87
CA GLY A 180 -4.40 -2.81 4.43
C GLY A 180 -5.82 -3.16 4.80
N ILE A 181 -6.75 -2.35 4.30
CA ILE A 181 -8.15 -2.47 4.64
C ILE A 181 -9.00 -2.65 3.39
N ASN A 182 -9.96 -3.58 3.45
CA ASN A 182 -11.07 -3.54 2.50
C ASN A 182 -12.22 -2.81 3.20
N PHE A 183 -12.52 -1.61 2.74
CA PHE A 183 -13.47 -0.78 3.47
C PHE A 183 -14.91 -1.11 3.08
N ASP A 184 -15.73 -1.41 4.09
CA ASP A 184 -17.15 -1.68 3.91
C ASP A 184 -18.00 -0.81 4.83
N PRO A 185 -18.52 0.30 4.32
CA PRO A 185 -19.27 1.22 5.19
C PRO A 185 -20.54 0.62 5.80
N ALA A 186 -21.20 -0.32 5.09
CA ALA A 186 -22.44 -0.88 5.60
C ALA A 186 -22.19 -1.70 6.85
N ASN A 187 -21.01 -2.32 6.94
CA ASN A 187 -20.68 -3.14 8.12
C ASN A 187 -20.73 -2.34 9.42
N ILE A 189 -22.56 0.22 10.07
CA ILE A 189 -23.95 0.45 10.39
C ILE A 189 -24.60 -0.81 10.92
N LEU A 190 -24.25 -1.95 10.33
CA LEU A 190 -24.82 -3.23 10.76
C LEU A 190 -24.42 -3.54 12.20
N TYR A 191 -23.13 -3.36 12.52
CA TYR A 191 -22.67 -3.51 13.90
C TYR A 191 -23.11 -2.39 14.83
N GLY A 192 -23.55 -1.26 14.26
CA GLY A 192 -24.01 -0.13 15.05
C GLY A 192 -22.88 0.61 15.77
N THR A 193 -21.67 0.49 15.25
CA THR A 193 -20.51 1.06 15.93
C THR A 193 -20.26 2.57 15.78
N GLY A 194 -20.29 3.10 14.57
CA GLY A 194 -19.92 4.49 14.35
C GLY A 194 -20.14 4.93 12.91
N ASN A 195 -20.22 6.24 12.68
CA ASN A 195 -20.47 6.75 11.34
C ASN A 195 -19.38 6.32 10.37
N PRO A 196 -19.79 5.63 9.30
CA PRO A 196 -18.87 5.03 8.34
C PRO A 196 -18.07 6.05 7.51
N ILE A 197 -18.63 7.19 7.14
CA ILE A 197 -17.85 8.17 6.37
C ILE A 197 -16.74 8.79 7.24
N GLU A 198 -17.05 9.09 8.51
CA GLU A 198 -16.02 9.56 9.44
C GLU A 198 -14.91 8.52 9.64
N ALA A 199 -15.29 7.25 9.72
CA ALA A 199 -14.29 6.20 9.91
C ALA A 199 -13.39 6.10 8.69
N LEU A 200 -13.98 6.18 7.50
CA LEU A 200 -13.23 6.18 6.26
C LEU A 200 -12.15 7.26 6.23
N ARG A 201 -12.50 8.49 6.63
CA ARG A 201 -11.52 9.57 6.69
C ARG A 201 -10.38 9.20 7.63
N LYS A 202 -10.70 8.60 8.77
CA LYS A 202 -9.67 8.28 9.76
C LYS A 202 -8.71 7.22 9.25
N VAL A 203 -9.21 6.23 8.53
CA VAL A 203 -8.39 5.10 8.09
C VAL A 203 -7.83 5.21 6.68
N ALA A 204 -8.02 6.37 6.05
CA ALA A 204 -7.80 6.57 4.62
C ALA A 204 -6.48 5.99 4.10
N ARG A 205 -5.38 6.19 4.82
CA ARG A 205 -4.06 5.80 4.32
C ARG A 205 -3.89 4.29 4.19
N TYR A 206 -4.75 3.52 4.88
CA TYR A 206 -4.71 2.05 4.77
C TYR A 206 -5.72 1.43 3.81
N VAL A 207 -6.59 2.21 3.17
CA VAL A 207 -7.64 1.63 2.35
C VAL A 207 -7.04 1.12 1.05
N ARG A 208 -7.11 -0.18 0.79
N ARG A 208 -7.12 -0.18 0.80
CA ARG A 208 -6.66 -0.74 -0.49
CA ARG A 208 -6.65 -0.77 -0.45
C ARG A 208 -7.73 -1.27 -1.44
C ARG A 208 -7.72 -1.28 -1.42
N SER A 209 -8.95 -1.45 -0.94
CA SER A 209 -10.06 -1.95 -1.75
C SER A 209 -11.33 -1.63 -1.02
N ILE A 210 -12.47 -1.68 -1.69
CA ILE A 210 -13.70 -1.31 -1.00
C ILE A 210 -14.88 -2.16 -1.42
N HIS A 211 -15.89 -2.21 -0.56
CA HIS A 211 -17.19 -2.76 -0.92
C HIS A 211 -18.23 -1.66 -0.96
N CYS A 212 -19.08 -1.70 -1.98
CA CYS A 212 -20.23 -0.82 -2.02
C CYS A 212 -21.42 -1.62 -1.58
N LYS A 213 -21.91 -1.31 -0.38
CA LYS A 213 -23.01 -2.03 0.22
C LYS A 213 -23.73 -1.01 1.10
N ASP A 214 -25.03 -1.21 1.36
CA ASP A 214 -25.80 -0.22 2.12
C ASP A 214 -26.58 -0.90 3.25
N ALA A 215 -26.91 -0.13 4.29
CA ALA A 215 -27.65 -0.68 5.42
C ALA A 215 -28.40 0.40 6.18
N LEU A 216 -29.40 -0.02 6.94
CA LEU A 216 -30.15 0.87 7.84
C LEU A 216 -29.68 0.64 9.26
N TRP A 217 -29.52 1.71 10.03
CA TRP A 217 -29.19 1.58 11.45
C TRP A 217 -30.26 0.79 12.20
N ALA A 218 -29.85 0.04 13.22
CA ALA A 218 -30.82 -0.47 14.19
C ALA A 218 -31.39 0.70 14.98
N PRO A 219 -32.54 0.49 15.67
CA PRO A 219 -33.02 1.53 16.59
C PRO A 219 -31.91 1.91 17.58
N VAL A 220 -31.90 3.16 18.04
CA VAL A 220 -30.78 3.69 18.83
C VAL A 220 -30.38 2.81 20.00
N ASN A 221 -31.37 2.38 20.77
N ASN A 221 -31.36 2.35 20.77
CA ASN A 221 -31.16 1.55 21.94
CA ASN A 221 -31.05 1.56 21.95
C ASN A 221 -30.70 0.13 21.61
C ASN A 221 -30.78 0.09 21.63
N GLU A 222 -30.91 -0.29 20.37
CA GLU A 222 -30.50 -1.62 19.92
C GLU A 222 -29.14 -1.69 19.19
N ARG A 223 -28.49 -0.54 19.02
CA ARG A 223 -27.23 -0.53 18.28
C ARG A 223 -26.13 -1.30 18.98
N GLY A 224 -25.43 -2.14 18.24
CA GLY A 224 -24.42 -3.01 18.84
C GLY A 224 -25.03 -4.20 19.56
N LYS A 225 -26.35 -4.31 19.52
CA LYS A 225 -27.05 -5.43 20.14
C LYS A 225 -27.82 -6.23 19.09
N SER A 226 -28.77 -5.56 18.42
CA SER A 226 -29.40 -6.12 17.25
C SER A 226 -28.70 -5.65 15.97
N TRP A 227 -28.63 -6.54 14.98
CA TRP A 227 -28.09 -6.18 13.67
C TRP A 227 -28.90 -5.02 13.11
N GLY A 228 -28.25 -4.13 12.36
CA GLY A 228 -29.00 -3.26 11.46
C GLY A 228 -29.50 -4.09 10.28
N GLN A 229 -30.03 -3.45 9.25
CA GLN A 229 -30.61 -4.19 8.14
C GLN A 229 -29.94 -3.83 6.82
N GLU A 230 -29.41 -4.82 6.11
CA GLU A 230 -28.82 -4.54 4.80
C GLU A 230 -29.92 -4.30 3.79
N VAL A 231 -29.75 -3.30 2.93
CA VAL A 231 -30.75 -2.96 1.92
C VAL A 231 -30.07 -2.66 0.58
N ALA A 232 -30.87 -2.59 -0.49
CA ALA A 232 -30.35 -2.30 -1.83
C ALA A 232 -29.54 -0.99 -1.86
N LEU A 233 -28.48 -0.97 -2.65
CA LEU A 233 -27.55 0.15 -2.66
C LEU A 233 -28.28 1.47 -2.91
N GLY A 234 -28.04 2.45 -2.03
CA GLY A 234 -28.65 3.76 -2.17
C GLY A 234 -29.95 3.94 -1.41
N THR A 235 -30.53 2.84 -0.92
CA THR A 235 -31.78 2.95 -0.17
C THR A 235 -31.57 2.96 1.35
N GLY A 236 -30.31 2.85 1.77
CA GLY A 236 -29.98 2.81 3.19
C GLY A 236 -29.44 4.08 3.78
N ASP A 237 -28.69 3.95 4.89
CA ASP A 237 -28.15 5.09 5.63
C ASP A 237 -26.68 5.45 5.35
N VAL A 238 -26.01 4.73 4.44
CA VAL A 238 -24.63 5.05 4.15
C VAL A 238 -24.46 6.43 3.49
N GLY A 239 -25.37 6.86 2.61
CA GLY A 239 -25.02 8.02 1.79
C GLY A 239 -24.03 7.75 0.66
N GLU A 241 -23.50 8.88 -2.32
CA GLU A 241 -22.80 10.05 -2.86
C GLU A 241 -21.77 10.59 -1.86
N ALA A 242 -22.13 10.62 -0.59
CA ALA A 242 -21.18 11.03 0.46
C ALA A 242 -19.96 10.10 0.53
N TYR A 243 -20.21 8.80 0.40
CA TYR A 243 -19.15 7.79 0.44
C TYR A 243 -18.20 7.92 -0.75
N LEU A 244 -18.75 7.96 -1.97
CA LEU A 244 -17.94 8.08 -3.17
C LEU A 244 -17.18 9.41 -3.28
N THR A 245 -17.81 10.50 -2.85
N THR A 245 -17.80 10.53 -2.89
CA THR A 245 -17.16 11.80 -2.93
CA THR A 245 -17.07 11.81 -2.95
C THR A 245 -16.00 11.85 -1.94
C THR A 245 -15.93 11.78 -1.96
N THR A 246 -16.16 11.21 -0.78
CA THR A 246 -15.08 11.10 0.19
C THR A 246 -13.95 10.17 -0.31
N LEU A 247 -14.31 9.05 -0.94
CA LEU A 247 -13.30 8.16 -1.54
C LEU A 247 -12.48 8.91 -2.57
N TRP A 248 -13.15 9.72 -3.37
CA TRP A 248 -12.45 10.47 -4.40
C TRP A 248 -11.45 11.43 -3.77
N GLU A 249 -11.88 12.16 -2.73
CA GLU A 249 -11.02 13.11 -2.04
C GLU A 249 -9.75 12.48 -1.45
N ILE A 250 -9.85 11.26 -0.91
CA ILE A 250 -8.67 10.66 -0.28
C ILE A 250 -7.75 9.96 -1.27
N GLY A 251 -8.08 10.01 -2.55
CA GLY A 251 -7.20 9.44 -3.56
C GLY A 251 -7.50 8.01 -3.97
N TYR A 252 -8.63 7.43 -3.53
CA TYR A 252 -8.90 6.05 -3.92
C TYR A 252 -9.41 6.01 -5.35
N ARG A 253 -8.62 5.35 -6.20
CA ARG A 253 -8.94 5.11 -7.61
C ARG A 253 -9.36 3.68 -8.02
N GLY A 254 -9.33 2.75 -7.08
CA GLY A 254 -9.44 1.33 -7.41
C GLY A 254 -10.87 0.89 -7.69
N PRO A 255 -11.10 -0.43 -7.77
CA PRO A 255 -12.42 -0.94 -8.14
C PRO A 255 -13.49 -0.60 -7.10
N LEU A 256 -14.71 -0.40 -7.57
CA LEU A 256 -15.84 -0.26 -6.67
C LEU A 256 -16.56 -1.60 -6.70
N THR A 257 -16.43 -2.37 -5.63
CA THR A 257 -16.95 -3.72 -5.67
C THR A 257 -18.28 -3.80 -4.95
N ILE A 258 -19.34 -4.03 -5.73
CA ILE A 258 -20.68 -4.16 -5.20
C ILE A 258 -20.83 -5.47 -4.46
N GLU A 259 -21.32 -5.40 -3.23
CA GLU A 259 -21.63 -6.59 -2.47
C GLU A 259 -23.07 -6.54 -2.02
N ARG A 260 -23.86 -7.55 -2.39
CA ARG A 260 -25.23 -7.64 -1.86
C ARG A 260 -25.45 -9.06 -1.40
N GLU A 261 -25.59 -9.29 -0.10
CA GLU A 261 -25.60 -10.69 0.24
C GLU A 261 -27.02 -11.13 0.49
N ILE A 262 -27.62 -11.67 -0.55
CA ILE A 262 -28.87 -12.40 -0.46
C ILE A 262 -28.78 -13.52 -1.49
N PRO A 263 -27.81 -14.43 -1.35
CA PRO A 263 -27.69 -15.49 -2.35
C PRO A 263 -28.88 -16.44 -2.32
N HIS A 264 -29.67 -16.39 -1.25
CA HIS A 264 -30.88 -17.21 -1.12
C HIS A 264 -31.98 -16.75 -2.06
N ASP A 265 -31.83 -15.54 -2.60
CA ASP A 265 -32.78 -14.98 -3.58
C ASP A 265 -32.00 -14.46 -4.80
N PRO A 266 -31.49 -15.40 -5.62
CA PRO A 266 -30.51 -15.10 -6.69
C PRO A 266 -31.05 -14.07 -7.70
N VAL A 267 -32.35 -14.17 -8.01
CA VAL A 267 -33.01 -13.23 -8.91
C VAL A 267 -32.99 -11.79 -8.37
N GLN A 268 -33.40 -11.61 -7.12
CA GLN A 268 -33.36 -10.29 -6.48
C GLN A 268 -31.92 -9.79 -6.25
N GLN A 269 -31.03 -10.72 -5.92
CA GLN A 269 -29.63 -10.36 -5.75
C GLN A 269 -29.08 -9.79 -7.05
N LYS A 270 -29.42 -10.41 -8.18
CA LYS A 270 -28.96 -9.90 -9.47
C LYS A 270 -29.60 -8.55 -9.81
N LYS A 271 -30.91 -8.40 -9.55
CA LYS A 271 -31.58 -7.12 -9.72
C LYS A 271 -30.90 -6.00 -8.93
N ASP A 272 -30.51 -6.28 -7.69
CA ASP A 272 -29.91 -5.24 -6.84
C ASP A 272 -28.50 -4.93 -7.31
N LEU A 273 -27.81 -5.95 -7.83
CA LEU A 273 -26.50 -5.71 -8.44
C LEU A 273 -26.67 -4.78 -9.66
N ALA A 274 -27.69 -5.03 -10.47
CA ALA A 274 -27.94 -4.22 -11.66
C ALA A 274 -28.33 -2.76 -11.36
N SER A 275 -29.20 -2.55 -10.37
CA SER A 275 -29.52 -1.18 -9.97
C SER A 275 -28.31 -0.51 -9.28
N ALA A 276 -27.53 -1.28 -8.52
CA ALA A 276 -26.31 -0.75 -7.93
C ALA A 276 -25.36 -0.28 -9.02
N LEU A 277 -25.23 -1.10 -10.07
CA LEU A 277 -24.36 -0.80 -11.18
C LEU A 277 -24.78 0.50 -11.87
N GLU A 278 -26.09 0.69 -12.04
CA GLU A 278 -26.59 1.93 -12.63
C GLU A 278 -26.33 3.16 -11.75
N LEU A 279 -26.59 3.03 -10.45
CA LEU A 279 -26.30 4.10 -9.49
C LEU A 279 -24.81 4.48 -9.45
N LEU A 280 -23.93 3.49 -9.38
CA LEU A 280 -22.50 3.77 -9.28
C LEU A 280 -21.95 4.33 -10.59
N THR A 281 -22.51 3.90 -11.70
CA THR A 281 -22.06 4.36 -13.01
C THR A 281 -22.37 5.86 -13.16
N GLY A 282 -23.54 6.27 -12.72
CA GLY A 282 -23.91 7.68 -12.72
C GLY A 282 -23.05 8.50 -11.77
N LEU A 283 -22.78 7.97 -10.57
CA LEU A 283 -21.97 8.72 -9.62
C LEU A 283 -20.51 8.81 -10.10
N ARG A 284 -20.01 7.73 -10.69
CA ARG A 284 -18.66 7.76 -11.25
C ARG A 284 -18.54 8.81 -12.33
N LYS A 285 -19.54 8.90 -13.20
CA LYS A 285 -19.52 9.88 -14.29
C LYS A 285 -19.53 11.31 -13.74
N LYS A 286 -20.28 11.52 -12.68
CA LYS A 286 -20.34 12.83 -12.03
C LYS A 286 -19.04 13.16 -11.29
N ILE A 287 -18.60 12.25 -10.43
CA ILE A 287 -17.44 12.51 -9.57
C ILE A 287 -16.06 12.29 -10.21
N ALA A 288 -15.89 11.18 -10.91
CA ALA A 288 -14.60 10.82 -11.48
C ALA A 288 -14.47 11.23 -12.94
N ASN A 289 -15.55 11.75 -13.50
CA ASN A 289 -15.67 12.13 -14.91
C ASN A 289 -15.49 10.98 -15.91
N CYS A 290 -15.79 9.77 -15.46
CA CYS A 290 -15.80 8.60 -16.33
C CYS A 290 -16.88 7.61 -15.88
N HIS B 7 6.00 -16.28 -7.56
CA HIS B 7 6.46 -14.94 -7.19
C HIS B 7 7.53 -14.42 -8.15
N LYS B 8 7.57 -13.10 -8.30
CA LYS B 8 8.66 -12.43 -9.00
C LYS B 8 9.90 -12.58 -8.13
N PRO B 9 11.09 -12.58 -8.75
CA PRO B 9 12.33 -12.71 -7.97
C PRO B 9 12.39 -11.66 -6.85
N TYR B 10 12.72 -12.11 -5.63
CA TYR B 10 12.84 -11.22 -4.49
C TYR B 10 14.05 -10.35 -4.66
N TRP B 11 13.98 -9.12 -4.18
CA TRP B 11 15.15 -8.27 -4.07
C TRP B 11 15.98 -8.15 -5.36
N PRO B 12 15.33 -7.88 -6.50
CA PRO B 12 16.18 -7.62 -7.67
C PRO B 12 17.04 -6.38 -7.41
N ILE B 13 18.27 -6.38 -7.93
CA ILE B 13 19.16 -5.26 -7.73
C ILE B 13 18.72 -4.07 -8.59
N GLY B 14 19.08 -2.87 -8.17
CA GLY B 14 18.85 -1.72 -9.02
C GLY B 14 19.97 -0.72 -8.87
N VAL B 15 20.06 0.19 -9.83
CA VAL B 15 21.01 1.31 -9.75
C VAL B 15 20.27 2.56 -10.19
N PHE B 16 20.87 3.72 -9.96
CA PHE B 16 20.35 4.95 -10.53
C PHE B 16 20.85 5.13 -11.94
N THR B 17 19.98 5.62 -12.81
CA THR B 17 20.36 6.00 -14.14
C THR B 17 19.66 7.32 -14.46
N SER B 18 19.90 7.87 -15.64
CA SER B 18 19.20 9.07 -16.06
C SER B 18 18.73 8.93 -17.50
N VAL B 19 17.73 9.72 -17.87
CA VAL B 19 17.13 9.66 -19.19
C VAL B 19 18.06 10.22 -20.28
N ASP B 20 18.80 11.28 -19.97
CA ASP B 20 19.70 11.91 -20.94
C ASP B 20 21.10 11.29 -20.84
N ALA B 21 21.23 10.36 -19.90
CA ALA B 21 22.44 9.59 -19.62
C ALA B 21 23.65 10.39 -19.13
N GLY B 22 23.46 11.58 -18.57
CA GLY B 22 24.53 12.19 -17.80
C GLY B 22 24.84 11.56 -16.45
N LEU B 23 23.83 11.55 -15.57
CA LEU B 23 23.96 11.04 -14.20
C LEU B 23 23.82 9.54 -14.02
N GLY B 24 24.43 9.01 -12.96
CA GLY B 24 24.26 7.62 -12.60
C GLY B 24 24.88 6.64 -13.58
N VAL B 25 24.37 5.41 -13.57
CA VAL B 25 24.90 4.33 -14.38
C VAL B 25 24.23 4.30 -15.74
N HIS B 26 25.03 4.24 -16.80
N HIS B 26 25.01 4.25 -16.82
CA HIS B 26 24.52 4.06 -18.17
CA HIS B 26 24.41 4.16 -18.15
C HIS B 26 23.70 2.77 -18.26
C HIS B 26 23.75 2.79 -18.34
N LEU B 27 22.64 2.78 -19.07
CA LEU B 27 21.82 1.57 -19.26
C LEU B 27 22.63 0.38 -19.77
N GLU B 28 23.59 0.67 -20.65
CA GLU B 28 24.44 -0.35 -21.24
C GLU B 28 25.31 -1.02 -20.18
N VAL B 29 25.83 -0.22 -19.23
CA VAL B 29 26.58 -0.79 -18.11
C VAL B 29 25.67 -1.65 -17.24
N ALA B 30 24.49 -1.14 -16.90
CA ALA B 30 23.54 -1.89 -16.08
C ALA B 30 23.17 -3.22 -16.74
N GLN B 31 22.93 -3.17 -18.04
CA GLN B 31 22.61 -4.37 -18.82
C GLN B 31 23.78 -5.36 -18.85
N ASP B 32 25.00 -4.84 -19.02
CA ASP B 32 26.21 -5.68 -18.97
C ASP B 32 26.38 -6.36 -17.62
N LEU B 33 26.05 -5.63 -16.56
CA LEU B 33 26.18 -6.13 -15.19
C LEU B 33 24.95 -6.93 -14.77
N LYS B 34 24.02 -7.09 -15.70
CA LYS B 34 22.77 -7.82 -15.48
C LYS B 34 21.94 -7.25 -14.32
N VAL B 35 21.88 -5.92 -14.26
CA VAL B 35 21.03 -5.25 -13.29
C VAL B 35 19.63 -5.13 -13.89
N PRO B 36 18.63 -5.80 -13.29
CA PRO B 36 17.23 -5.82 -13.75
C PRO B 36 16.36 -4.57 -13.52
N THR B 37 16.72 -3.69 -12.58
CA THR B 37 15.86 -2.54 -12.28
C THR B 37 16.66 -1.26 -12.12
N VAL B 38 16.00 -0.12 -12.34
CA VAL B 38 16.61 1.18 -12.10
C VAL B 38 15.63 2.13 -11.40
N GLN B 39 16.20 3.10 -10.69
CA GLN B 39 15.47 4.29 -10.30
C GLN B 39 16.10 5.40 -11.14
N VAL B 40 15.33 6.45 -11.42
CA VAL B 40 15.75 7.42 -12.42
C VAL B 40 15.82 8.84 -11.84
N HIS B 41 16.94 9.51 -12.12
CA HIS B 41 17.13 10.89 -11.72
C HIS B 41 16.13 11.78 -12.42
N ALA B 42 15.85 12.94 -11.82
CA ALA B 42 14.91 13.90 -12.41
C ALA B 42 15.31 14.23 -13.83
N PRO B 43 14.40 13.97 -14.77
CA PRO B 43 14.63 14.37 -16.17
C PRO B 43 14.57 15.89 -16.33
N HIS B 44 15.53 16.44 -17.08
N HIS B 44 15.52 16.45 -17.09
CA HIS B 44 15.54 17.87 -17.38
CA HIS B 44 15.56 17.88 -17.42
C HIS B 44 14.27 18.26 -18.14
C HIS B 44 14.27 18.26 -18.15
N PRO B 45 13.79 19.49 -17.94
CA PRO B 45 12.56 19.98 -18.58
C PRO B 45 12.48 19.70 -20.08
N HIS B 46 13.56 19.87 -20.82
CA HIS B 46 13.52 19.65 -22.27
C HIS B 46 13.28 18.18 -22.65
N THR B 47 13.56 17.26 -21.73
CA THR B 47 13.32 15.85 -22.00
C THR B 47 11.97 15.33 -21.53
N ARG B 48 11.13 16.16 -20.93
CA ARG B 48 9.84 15.59 -20.53
C ARG B 48 8.84 15.85 -21.62
N THR B 49 8.52 14.79 -22.37
CA THR B 49 7.52 14.83 -23.42
C THR B 49 7.12 13.38 -23.56
N ARG B 50 5.92 13.15 -24.10
CA ARG B 50 5.44 11.80 -24.34
C ARG B 50 6.46 11.05 -25.21
N GLU B 51 7.07 11.78 -26.13
CA GLU B 51 8.01 11.21 -27.09
C GLU B 51 9.30 10.71 -26.42
N HIS B 52 9.91 11.55 -25.60
CA HIS B 52 11.11 11.15 -24.87
C HIS B 52 10.82 10.03 -23.88
N ALA B 53 9.65 10.07 -23.25
CA ALA B 53 9.29 9.05 -22.27
C ALA B 53 9.14 7.68 -22.91
N GLN B 54 8.49 7.62 -24.06
CA GLN B 54 8.28 6.36 -24.77
C GLN B 54 9.59 5.79 -25.31
N ALA B 55 10.48 6.67 -25.77
CA ALA B 55 11.80 6.23 -26.22
C ALA B 55 12.64 5.67 -25.07
N PHE B 56 12.57 6.32 -23.91
CA PHE B 56 13.26 5.83 -22.72
C PHE B 56 12.73 4.47 -22.30
N ARG B 57 11.41 4.36 -22.26
CA ARG B 57 10.74 3.09 -21.94
C ARG B 57 11.20 1.96 -22.88
N ALA B 58 11.34 2.27 -24.18
CA ALA B 58 11.73 1.25 -25.14
C ALA B 58 13.21 0.89 -24.97
N LYS B 59 14.03 1.89 -24.65
CA LYS B 59 15.42 1.66 -24.32
C LYS B 59 15.52 0.70 -23.12
N CYS B 60 14.69 0.93 -22.10
CA CYS B 60 14.69 0.07 -20.92
C CYS B 60 14.16 -1.34 -21.21
N ASP B 61 13.09 -1.42 -21.99
CA ASP B 61 12.51 -2.72 -22.36
C ASP B 61 13.54 -3.57 -23.10
N ALA B 62 14.20 -2.97 -24.08
CA ALA B 62 15.21 -3.66 -24.87
C ALA B 62 16.35 -4.19 -23.99
N ALA B 63 16.61 -3.51 -22.89
CA ALA B 63 17.72 -3.87 -22.02
C ALA B 63 17.30 -4.85 -20.92
N GLY B 64 16.02 -5.20 -20.89
CA GLY B 64 15.53 -6.06 -19.83
C GLY B 64 15.54 -5.35 -18.49
N ILE B 65 15.28 -4.04 -18.52
CA ILE B 65 15.33 -3.22 -17.31
C ILE B 65 13.96 -2.59 -16.98
N GLN B 66 13.55 -2.74 -15.72
CA GLN B 66 12.29 -2.22 -15.23
C GLN B 66 12.52 -0.89 -14.49
N VAL B 67 11.73 0.12 -14.81
CA VAL B 67 11.86 1.42 -14.15
C VAL B 67 10.93 1.44 -12.94
N THR B 68 11.52 1.41 -11.75
CA THR B 68 10.78 1.37 -10.49
C THR B 68 10.31 2.67 -9.81
N VAL B 69 11.16 3.69 -9.84
CA VAL B 69 10.85 4.99 -9.26
C VAL B 69 11.54 6.08 -10.08
N ILE B 70 10.84 7.20 -10.29
CA ILE B 70 11.47 8.35 -10.91
C ILE B 70 11.51 9.48 -9.90
N PHE B 71 12.71 9.99 -9.63
CA PHE B 71 12.90 11.00 -8.60
C PHE B 71 12.71 12.43 -9.09
N GLY B 72 12.15 13.26 -8.21
CA GLY B 72 12.18 14.69 -8.38
C GLY B 72 13.57 15.22 -8.03
N GLY B 73 13.89 16.38 -8.57
CA GLY B 73 15.10 17.12 -8.22
C GLY B 73 14.92 18.44 -8.94
N PHE B 74 15.56 19.50 -8.43
CA PHE B 74 15.20 20.85 -8.88
C PHE B 74 16.38 21.80 -8.92
N ASP B 75 16.33 22.77 -9.84
CA ASP B 75 17.32 23.83 -9.89
C ASP B 75 17.35 24.56 -8.55
N GLY B 76 18.56 24.85 -8.08
CA GLY B 76 18.74 25.63 -6.87
C GLY B 76 18.93 24.77 -5.62
N GLU B 77 18.87 23.45 -5.78
CA GLU B 77 19.07 22.60 -4.62
C GLU B 77 20.56 22.43 -4.36
N SER B 78 20.99 22.70 -3.14
CA SER B 78 22.37 22.42 -2.75
C SER B 78 22.47 21.64 -1.44
N TYR B 79 23.26 20.57 -1.49
CA TYR B 79 23.59 19.73 -0.34
C TYR B 79 24.92 20.09 0.35
N ALA B 80 25.51 21.21 -0.05
CA ALA B 80 26.87 21.60 0.37
C ALA B 80 27.14 21.47 1.87
N ASP B 81 26.19 21.89 2.69
CA ASP B 81 26.25 21.61 4.13
C ASP B 81 24.83 21.44 4.66
N ILE B 82 24.69 21.13 5.94
CA ILE B 82 23.37 20.82 6.49
C ILE B 82 22.43 22.05 6.53
N PRO B 83 22.92 23.22 6.98
CA PRO B 83 22.03 24.40 6.89
C PRO B 83 21.61 24.76 5.46
N THR B 84 22.50 24.59 4.48
CA THR B 84 22.19 24.91 3.09
C THR B 84 21.12 23.96 2.54
N THR B 85 21.20 22.70 2.95
CA THR B 85 20.22 21.70 2.57
C THR B 85 18.85 22.09 3.08
N ALA B 86 18.78 22.51 4.34
CA ALA B 86 17.50 22.94 4.93
C ALA B 86 16.93 24.14 4.18
N ARG B 87 17.81 25.03 3.75
N ARG B 87 17.82 25.01 3.74
CA ARG B 87 17.37 26.28 3.11
CA ARG B 87 17.43 26.27 3.12
C ARG B 87 16.97 26.08 1.66
C ARG B 87 16.99 26.08 1.67
N THR B 88 17.73 25.26 0.93
CA THR B 88 17.50 25.07 -0.49
C THR B 88 16.82 23.80 -1.04
N VAL B 89 16.57 22.80 -0.20
CA VAL B 89 16.18 21.49 -0.74
C VAL B 89 14.68 21.17 -0.57
N GLY B 90 14.08 20.65 -1.63
CA GLY B 90 12.75 20.07 -1.56
C GLY B 90 11.62 21.08 -1.72
N LEU B 91 10.44 20.70 -1.25
CA LEU B 91 9.26 21.55 -1.30
C LEU B 91 9.18 22.52 -0.14
N VAL B 92 9.98 22.27 0.89
CA VAL B 92 9.91 23.10 2.08
C VAL B 92 10.25 24.60 1.87
N PRO B 93 11.37 24.92 1.19
CA PRO B 93 11.70 26.34 0.97
C PRO B 93 10.57 27.12 0.28
N LEU B 94 10.20 28.24 0.86
CA LEU B 94 9.00 28.97 0.43
C LEU B 94 9.13 29.69 -0.91
N GLU B 95 10.34 30.19 -1.21
CA GLU B 95 10.58 30.89 -2.49
C GLU B 95 10.26 30.00 -3.69
N THR B 96 10.74 28.76 -3.62
CA THR B 96 10.68 27.85 -4.75
C THR B 96 9.52 26.86 -4.68
N ARG B 97 8.72 26.93 -3.61
CA ARG B 97 7.71 25.90 -3.36
C ARG B 97 6.73 25.69 -4.52
N ALA B 98 6.09 26.76 -4.98
CA ALA B 98 5.07 26.64 -6.02
C ALA B 98 5.66 26.13 -7.33
N SER B 99 6.85 26.62 -7.67
CA SER B 99 7.58 26.16 -8.87
C SER B 99 7.85 24.67 -8.81
N ARG B 100 8.31 24.22 -7.66
CA ARG B 100 8.78 22.84 -7.54
C ARG B 100 7.60 21.87 -7.42
N VAL B 101 6.51 22.34 -6.83
CA VAL B 101 5.30 21.54 -6.85
C VAL B 101 4.84 21.36 -8.30
N ALA B 102 4.82 22.46 -9.08
CA ALA B 102 4.42 22.36 -10.49
C ALA B 102 5.37 21.41 -11.23
N GLU B 103 6.66 21.51 -10.93
CA GLU B 103 7.66 20.66 -11.57
C GLU B 103 7.50 19.17 -11.19
N LYS B 105 4.78 17.71 -10.45
CA LYS B 105 3.62 17.25 -11.22
C LYS B 105 3.98 16.94 -12.67
N GLU B 106 4.88 17.73 -13.27
CA GLU B 106 5.35 17.44 -14.62
C GLU B 106 6.18 16.14 -14.63
N ILE B 107 6.92 15.91 -13.56
CA ILE B 107 7.70 14.68 -13.45
C ILE B 107 6.78 13.48 -13.28
N SER B 108 5.70 13.67 -12.52
CA SER B 108 4.65 12.69 -12.39
C SER B 108 4.00 12.37 -13.77
N ASP B 109 3.74 13.41 -14.56
CA ASP B 109 3.23 13.22 -15.93
C ASP B 109 4.20 12.37 -16.77
N PHE B 110 5.48 12.73 -16.72
CA PHE B 110 6.51 11.99 -17.43
C PHE B 110 6.53 10.52 -17.00
N ALA B 111 6.51 10.30 -15.69
CA ALA B 111 6.52 8.95 -15.14
C ALA B 111 5.33 8.13 -15.66
N SER B 112 4.18 8.78 -15.77
CA SER B 112 2.99 8.14 -16.30
C SER B 112 3.18 7.67 -17.75
N TRP B 113 3.83 8.51 -18.57
CA TRP B 113 4.10 8.16 -19.96
C TRP B 113 5.10 7.03 -20.07
N VAL B 114 6.03 6.95 -19.12
CA VAL B 114 7.02 5.87 -19.09
C VAL B 114 6.36 4.57 -18.63
N GLY B 115 5.31 4.70 -17.81
CA GLY B 115 4.66 3.54 -17.21
C GLY B 115 5.26 3.18 -15.86
N CYS B 116 5.91 4.14 -15.21
CA CYS B 116 6.51 3.93 -13.89
C CYS B 116 5.50 4.23 -12.76
N PRO B 117 5.27 3.25 -11.88
CA PRO B 117 4.29 3.30 -10.80
C PRO B 117 4.63 4.28 -9.65
N ALA B 118 5.85 4.80 -9.59
CA ALA B 118 6.21 5.62 -8.44
C ALA B 118 7.12 6.79 -8.75
N ILE B 119 6.91 7.90 -8.05
CA ILE B 119 7.86 8.99 -8.09
C ILE B 119 8.42 9.17 -6.69
N GLY B 120 9.57 9.84 -6.56
CA GLY B 120 10.12 9.93 -5.22
C GLY B 120 10.70 11.31 -5.06
N LEU B 121 10.78 11.73 -3.80
N LEU B 121 10.88 11.74 -3.82
CA LEU B 121 11.09 13.11 -3.46
CA LEU B 121 11.40 13.07 -3.58
C LEU B 121 11.78 13.17 -2.11
C LEU B 121 12.04 13.21 -2.22
N HIS B 122 12.84 13.97 -2.00
N HIS B 122 12.99 14.12 -2.11
CA HIS B 122 13.28 14.42 -0.68
CA HIS B 122 13.41 14.61 -0.80
C HIS B 122 12.56 15.73 -0.49
C HIS B 122 12.50 15.79 -0.55
N ILE B 123 11.62 15.72 0.45
CA ILE B 123 10.68 16.81 0.60
C ILE B 123 11.30 18.06 1.25
N GLY B 124 12.44 17.87 1.89
CA GLY B 124 13.12 18.96 2.59
C GLY B 124 12.95 18.81 4.08
N PHE B 125 13.31 19.84 4.86
N PHE B 125 13.34 19.84 4.84
CA PHE B 125 13.33 19.66 6.30
CA PHE B 125 13.31 19.78 6.29
C PHE B 125 11.96 20.01 6.88
C PHE B 125 11.86 20.00 6.72
N VAL B 126 11.24 18.97 7.28
CA VAL B 126 9.85 19.09 7.71
C VAL B 126 9.81 19.85 9.02
N PRO B 127 9.03 20.95 9.08
CA PRO B 127 8.89 21.78 10.29
C PRO B 127 8.25 20.98 11.44
N GLU B 128 8.46 21.42 12.66
CA GLU B 128 7.72 20.85 13.79
C GLU B 128 6.24 21.15 13.61
N SER B 129 5.38 20.29 14.14
CA SER B 129 3.95 20.37 13.85
C SER B 129 3.27 21.59 14.48
N SER B 130 3.95 22.23 15.41
CA SER B 130 3.47 23.47 16.02
C SER B 130 3.64 24.70 15.11
N SER B 131 4.53 24.60 14.12
CA SER B 131 4.76 25.70 13.17
C SER B 131 3.58 25.89 12.24
N PRO B 132 3.27 27.15 11.87
CA PRO B 132 2.19 27.42 10.92
C PRO B 132 2.50 26.87 9.51
N ASP B 133 3.76 26.87 9.11
N ASP B 133 3.78 26.83 9.17
CA ASP B 133 4.10 26.35 7.79
CA ASP B 133 4.26 26.37 7.87
C ASP B 133 3.86 24.85 7.68
C ASP B 133 4.20 24.84 7.72
N TYR B 134 3.91 24.15 8.82
CA TYR B 134 3.71 22.69 8.82
C TYR B 134 2.43 22.28 8.11
N SER B 135 1.34 22.88 8.49
CA SER B 135 0.08 22.58 7.89
C SER B 135 0.04 22.90 6.46
N GLU B 136 0.67 23.98 6.05
CA GLU B 136 0.79 24.34 4.65
C GLU B 136 1.60 23.28 3.85
N LEU B 137 2.62 22.70 4.48
CA LEU B 137 3.40 21.62 3.84
C LEU B 137 2.51 20.38 3.67
N VAL B 138 1.71 20.08 4.69
CA VAL B 138 0.76 18.97 4.60
C VAL B 138 -0.17 19.14 3.40
N ARG B 139 -0.65 20.37 3.17
N ARG B 139 -0.60 20.37 3.15
CA ARG B 139 -1.60 20.61 2.06
CA ARG B 139 -1.60 20.64 2.13
C ARG B 139 -1.00 20.35 0.69
C ARG B 139 -1.09 20.52 0.68
N VAL B 140 0.15 20.96 0.41
CA VAL B 140 0.74 20.78 -0.93
C VAL B 140 1.16 19.33 -1.14
N THR B 141 1.52 18.63 -0.07
CA THR B 141 1.82 17.19 -0.18
C THR B 141 0.56 16.42 -0.59
N GLN B 142 -0.55 16.74 0.07
CA GLN B 142 -1.85 16.17 -0.27
C GLN B 142 -2.26 16.52 -1.71
N ASP B 143 -1.93 17.74 -2.14
CA ASP B 143 -2.22 18.16 -3.51
C ASP B 143 -1.40 17.36 -4.51
N LEU B 144 -0.12 17.18 -4.22
CA LEU B 144 0.74 16.36 -5.07
C LEU B 144 0.28 14.89 -5.09
N LEU B 145 -0.14 14.39 -3.94
CA LEU B 145 -0.62 13.00 -3.85
C LEU B 145 -1.86 12.75 -4.67
N THR B 146 -2.75 13.75 -4.74
CA THR B 146 -3.93 13.69 -5.60
C THR B 146 -3.53 13.63 -7.06
N HIS B 147 -2.56 14.46 -7.45
CA HIS B 147 -2.07 14.44 -8.83
C HIS B 147 -1.49 13.07 -9.18
N ALA B 148 -0.69 12.52 -8.27
CA ALA B 148 -0.11 11.20 -8.48
C ALA B 148 -1.20 10.13 -8.56
N ALA B 149 -2.21 10.25 -7.70
CA ALA B 149 -3.29 9.25 -7.67
C ALA B 149 -4.05 9.23 -8.98
N ASN B 150 -4.19 10.38 -9.62
CA ASN B 150 -4.87 10.43 -10.90
C ASN B 150 -4.06 9.74 -12.00
N HIS B 151 -2.77 9.56 -11.74
CA HIS B 151 -1.91 8.74 -12.60
C HIS B 151 -1.74 7.30 -12.14
N GLY B 152 -2.44 6.92 -11.07
CA GLY B 152 -2.22 5.59 -10.49
C GLY B 152 -0.83 5.42 -9.88
N GLN B 153 -0.29 6.49 -9.33
CA GLN B 153 1.09 6.48 -8.83
C GLN B 153 1.14 6.68 -7.32
N ALA B 154 2.24 6.24 -6.75
CA ALA B 154 2.57 6.47 -5.34
C ALA B 154 3.71 7.50 -5.26
N VAL B 155 3.78 8.21 -4.13
CA VAL B 155 4.90 9.11 -3.87
C VAL B 155 5.71 8.51 -2.74
N HIS B 156 7.01 8.34 -2.96
CA HIS B 156 7.89 7.75 -1.97
C HIS B 156 8.79 8.86 -1.39
N LEU B 157 8.62 9.14 -0.09
CA LEU B 157 9.45 10.17 0.56
C LEU B 157 10.79 9.59 0.89
N GLU B 158 11.81 10.23 0.38
CA GLU B 158 13.17 9.81 0.66
C GLU B 158 13.54 10.18 2.10
N THR B 159 14.23 9.29 2.83
CA THR B 159 14.65 9.58 4.21
C THR B 159 15.46 10.87 4.32
N GLY B 160 14.96 11.77 5.17
CA GLY B 160 15.53 13.09 5.43
C GLY B 160 16.21 13.22 6.78
N GLN B 161 16.21 14.43 7.34
N GLN B 161 16.21 14.44 7.31
CA GLN B 161 16.75 14.65 8.70
CA GLN B 161 16.83 14.74 8.59
C GLN B 161 15.71 14.45 9.81
C GLN B 161 15.92 14.36 9.77
N GLU B 162 14.48 14.12 9.46
N GLU B 162 14.62 14.25 9.50
CA GLU B 162 13.45 13.92 10.47
CA GLU B 162 13.61 14.05 10.55
C GLU B 162 13.72 12.67 11.29
C GLU B 162 13.80 12.73 11.31
N SER B 163 13.42 12.74 12.57
CA SER B 163 13.43 11.54 13.40
C SER B 163 12.29 10.63 12.89
N ALA B 164 12.38 9.32 13.14
CA ALA B 164 11.32 8.39 12.74
C ALA B 164 9.95 8.82 13.28
N ASP B 165 9.92 9.29 14.52
CA ASP B 165 8.67 9.71 15.12
C ASP B 165 8.06 10.92 14.40
N HIS B 166 8.91 11.89 14.06
N HIS B 166 8.89 11.89 14.04
CA HIS B 166 8.43 13.10 13.36
CA HIS B 166 8.37 13.08 13.37
C HIS B 166 7.89 12.68 11.98
C HIS B 166 7.95 12.76 11.93
N LEU B 167 8.60 11.77 11.32
CA LEU B 167 8.19 11.29 10.00
C LEU B 167 6.85 10.58 10.08
N LEU B 168 6.69 9.74 11.11
CA LEU B 168 5.42 9.05 11.32
C LEU B 168 4.28 10.05 11.50
N GLU B 169 4.53 11.05 12.33
CA GLU B 169 3.53 12.09 12.58
C GLU B 169 3.11 12.77 11.28
N PHE B 170 4.10 13.11 10.45
CA PHE B 170 3.84 13.75 9.16
C PHE B 170 3.02 12.85 8.23
N ILE B 171 3.44 11.60 8.10
CA ILE B 171 2.68 10.65 7.29
C ILE B 171 1.23 10.48 7.76
N GLU B 172 1.06 10.45 9.09
N GLU B 172 0.99 10.40 9.07
CA GLU B 172 -0.24 10.30 9.73
CA GLU B 172 -0.42 10.22 9.46
C GLU B 172 -1.16 11.48 9.40
C GLU B 172 -1.24 11.52 9.45
N ASP B 173 -0.58 12.67 9.47
CA ASP B 173 -1.30 13.94 9.23
C ASP B 173 -1.69 14.08 7.75
N VAL B 174 -0.80 13.67 6.86
CA VAL B 174 -1.13 13.69 5.44
C VAL B 174 -2.26 12.69 5.17
N ASN B 175 -2.11 11.46 5.69
CA ASN B 175 -3.17 10.43 5.65
C ASN B 175 -3.73 10.07 4.26
N ARG B 176 -2.84 9.67 3.35
N ARG B 176 -2.85 9.67 3.34
CA ARG B 176 -3.25 9.25 2.00
CA ARG B 176 -3.29 9.25 2.02
C ARG B 176 -2.69 7.86 1.72
C ARG B 176 -2.68 7.88 1.69
N PRO B 177 -3.45 7.01 1.03
CA PRO B 177 -3.01 5.63 0.78
C PRO B 177 -1.83 5.51 -0.17
N ASN B 178 -1.60 6.50 -1.03
CA ASN B 178 -0.49 6.46 -1.98
C ASN B 178 0.80 7.13 -1.49
N LEU B 179 0.84 7.50 -0.21
CA LEU B 179 2.08 8.05 0.35
C LEU B 179 2.92 6.97 1.04
N GLY B 180 4.21 6.95 0.74
CA GLY B 180 5.09 5.93 1.27
C GLY B 180 6.51 6.47 1.40
N ILE B 181 7.43 5.57 1.72
CA ILE B 181 8.80 5.95 2.03
C ILE B 181 9.78 5.25 1.09
N ASN B 182 10.78 5.99 0.60
CA ASN B 182 11.96 5.34 0.06
C ASN B 182 13.02 5.40 1.15
N PHE B 183 13.30 4.24 1.76
CA PHE B 183 14.12 4.24 2.98
C PHE B 183 15.60 4.19 2.64
N ASP B 184 16.34 5.13 3.24
CA ASP B 184 17.78 5.23 3.07
C ASP B 184 18.50 5.33 4.42
N PRO B 185 19.02 4.21 4.94
CA PRO B 185 19.63 4.24 6.28
C PRO B 185 20.85 5.15 6.38
N ALA B 186 21.58 5.34 5.29
CA ALA B 186 22.80 6.15 5.34
C ALA B 186 22.48 7.63 5.58
N ASN B 187 21.34 8.09 5.07
CA ASN B 187 20.94 9.48 5.26
C ASN B 187 20.77 9.84 6.73
N ILE B 189 22.38 8.52 9.17
CA ILE B 189 23.75 8.63 9.66
C ILE B 189 24.40 9.93 9.18
N LEU B 190 24.18 10.28 7.91
CA LEU B 190 24.76 11.50 7.35
C LEU B 190 24.26 12.75 8.08
N TYR B 191 22.96 12.80 8.35
CA TYR B 191 22.35 13.91 9.10
C TYR B 191 22.60 13.82 10.61
N GLY B 192 23.09 12.68 11.08
CA GLY B 192 23.37 12.51 12.51
C GLY B 192 22.12 12.33 13.37
N THR B 193 21.05 11.85 12.76
CA THR B 193 19.75 11.79 13.44
C THR B 193 19.55 10.72 14.53
N GLY B 194 19.80 9.46 14.18
CA GLY B 194 19.39 8.38 15.04
C GLY B 194 19.66 7.06 14.34
N ASN B 195 19.60 5.98 15.11
CA ASN B 195 19.96 4.66 14.59
C ASN B 195 19.02 4.28 13.47
N PRO B 196 19.57 4.03 12.27
CA PRO B 196 18.68 3.78 11.14
C PRO B 196 17.93 2.42 11.19
N ILE B 197 18.50 1.38 11.80
CA ILE B 197 17.77 0.11 11.84
C ILE B 197 16.55 0.22 12.75
N GLU B 198 16.73 0.85 13.90
CA GLU B 198 15.59 1.12 14.78
C GLU B 198 14.52 1.97 14.09
N ALA B 199 14.97 2.94 13.29
CA ALA B 199 14.02 3.79 12.57
C ALA B 199 13.24 2.95 11.56
N LEU B 200 13.95 2.07 10.86
CA LEU B 200 13.32 1.19 9.88
C LEU B 200 12.19 0.34 10.51
N ARG B 201 12.44 -0.24 11.68
CA ARG B 201 11.42 -1.02 12.39
C ARG B 201 10.19 -0.16 12.69
N LYS B 202 10.41 1.09 13.10
CA LYS B 202 9.30 2.00 13.41
C LYS B 202 8.43 2.35 12.18
N VAL B 203 9.08 2.63 11.06
CA VAL B 203 8.38 3.11 9.86
C VAL B 203 7.96 2.00 8.87
N ALA B 204 8.16 0.76 9.28
CA ALA B 204 8.05 -0.42 8.40
C ALA B 204 6.80 -0.43 7.53
N ARG B 205 5.64 -0.15 8.10
CA ARG B 205 4.40 -0.26 7.33
C ARG B 205 4.32 0.71 6.15
N TYR B 206 5.15 1.75 6.16
CA TYR B 206 5.19 2.70 5.04
C TYR B 206 6.32 2.54 4.02
N VAL B 207 7.23 1.58 4.24
CA VAL B 207 8.36 1.44 3.32
C VAL B 207 7.87 0.88 1.97
N ARG B 208 8.08 1.62 0.88
N ARG B 208 8.08 1.62 0.88
CA ARG B 208 7.75 1.14 -0.47
CA ARG B 208 7.75 1.12 -0.46
C ARG B 208 8.95 0.81 -1.39
C ARG B 208 8.94 0.85 -1.41
N SER B 209 10.11 1.36 -1.06
CA SER B 209 11.30 1.20 -1.87
C SER B 209 12.48 1.53 -0.98
N ILE B 210 13.67 1.09 -1.35
CA ILE B 210 14.83 1.31 -0.50
C ILE B 210 16.09 1.64 -1.27
N HIS B 211 16.99 2.38 -0.62
CA HIS B 211 18.34 2.56 -1.11
C HIS B 211 19.35 1.81 -0.26
N CYS B 212 20.37 1.27 -0.93
CA CYS B 212 21.53 0.71 -0.27
C CYS B 212 22.70 1.69 -0.43
N LYS B 213 23.11 2.26 0.68
CA LYS B 213 24.17 3.27 0.72
C LYS B 213 24.70 3.15 2.14
N ASP B 214 25.96 3.56 2.36
CA ASP B 214 26.58 3.41 3.68
C ASP B 214 27.29 4.70 4.06
N ALA B 215 27.46 4.92 5.36
CA ALA B 215 28.06 6.17 5.80
C ALA B 215 28.65 6.00 7.19
N LEU B 216 29.53 6.93 7.55
CA LEU B 216 30.09 7.03 8.89
C LEU B 216 29.48 8.23 9.62
N TRP B 217 29.25 8.08 10.92
CA TRP B 217 28.75 9.18 11.77
C TRP B 217 29.79 10.29 11.89
N ALA B 218 29.34 11.53 11.93
CA ALA B 218 30.19 12.64 12.34
C ALA B 218 30.54 12.47 13.82
N PRO B 219 31.60 13.16 14.32
CA PRO B 219 31.87 13.11 15.77
C PRO B 219 30.63 13.54 16.56
N VAL B 220 30.47 13.01 17.77
CA VAL B 220 29.23 13.20 18.56
C VAL B 220 28.80 14.65 18.67
N ASN B 221 29.74 15.55 18.94
N ASN B 221 29.77 15.53 18.94
CA ASN B 221 29.40 16.97 19.07
CA ASN B 221 29.55 16.96 19.05
C ASN B 221 29.16 17.66 17.73
C ASN B 221 29.09 17.59 17.74
N GLU B 222 29.46 16.97 16.63
CA GLU B 222 29.17 17.51 15.30
C GLU B 222 27.91 16.99 14.60
N ARG B 223 27.20 16.05 15.22
CA ARG B 223 26.07 15.42 14.54
C ARG B 223 24.91 16.40 14.35
N GLY B 224 24.36 16.42 13.14
CA GLY B 224 23.35 17.40 12.80
C GLY B 224 23.94 18.76 12.42
N LYS B 225 25.26 18.89 12.56
CA LYS B 225 25.96 20.15 12.26
C LYS B 225 26.87 19.98 11.05
N SER B 226 27.84 19.08 11.16
CA SER B 226 28.65 18.66 10.02
C SER B 226 28.13 17.35 9.48
N TRP B 227 28.16 17.19 8.16
CA TRP B 227 27.78 15.94 7.53
C TRP B 227 28.63 14.79 8.07
N GLY B 228 28.05 13.60 8.16
CA GLY B 228 28.84 12.39 8.28
C GLY B 228 29.50 12.14 6.92
N GLN B 229 30.11 10.97 6.75
CA GLN B 229 30.85 10.68 5.52
C GLN B 229 30.34 9.42 4.82
N GLU B 230 30.02 9.56 3.54
CA GLU B 230 29.61 8.41 2.76
C GLU B 230 30.81 7.52 2.46
N VAL B 231 30.63 6.21 2.54
CA VAL B 231 31.74 5.30 2.24
C VAL B 231 31.17 4.14 1.44
N ALA B 232 32.06 3.24 1.02
CA ALA B 232 31.67 2.10 0.23
C ALA B 232 30.71 1.21 1.02
N LEU B 233 29.76 0.65 0.30
CA LEU B 233 28.74 -0.23 0.86
C LEU B 233 29.40 -1.34 1.69
N GLY B 234 28.94 -1.52 2.92
CA GLY B 234 29.51 -2.55 3.79
C GLY B 234 30.67 -2.11 4.68
N THR B 235 31.27 -0.96 4.37
CA THR B 235 32.39 -0.47 5.18
C THR B 235 32.05 0.58 6.23
N GLY B 236 30.79 1.01 6.26
CA GLY B 236 30.37 2.09 7.15
C GLY B 236 29.61 1.63 8.39
N ASP B 237 28.81 2.53 8.95
CA ASP B 237 28.16 2.28 10.22
C ASP B 237 26.73 1.76 10.06
N VAL B 238 26.24 1.59 8.83
CA VAL B 238 24.89 1.05 8.66
C VAL B 238 24.72 -0.38 9.21
N GLY B 239 25.70 -1.28 9.01
CA GLY B 239 25.40 -2.69 9.23
C GLY B 239 24.54 -3.31 8.13
N GLU B 241 24.18 -6.24 6.72
CA GLU B 241 23.46 -7.47 7.05
C GLU B 241 22.30 -7.23 8.03
N ALA B 242 22.53 -6.42 9.07
CA ALA B 242 21.49 -6.07 10.01
C ALA B 242 20.35 -5.35 9.31
N TYR B 243 20.70 -4.47 8.38
CA TYR B 243 19.73 -3.73 7.58
C TYR B 243 18.87 -4.66 6.71
N LEU B 244 19.51 -5.47 5.88
CA LEU B 244 18.76 -6.36 4.98
C LEU B 244 17.97 -7.47 5.72
N THR B 245 18.52 -8.01 6.80
CA THR B 245 17.76 -9.00 7.55
C THR B 245 16.51 -8.35 8.17
N THR B 246 16.62 -7.10 8.60
CA THR B 246 15.45 -6.40 9.11
C THR B 246 14.44 -6.14 7.99
N LEU B 247 14.92 -5.74 6.82
CA LEU B 247 14.02 -5.58 5.66
C LEU B 247 13.29 -6.88 5.36
N TRP B 248 14.03 -7.98 5.34
CA TRP B 248 13.41 -9.28 5.08
C TRP B 248 12.29 -9.56 6.10
N GLU B 249 12.59 -9.36 7.38
CA GLU B 249 11.63 -9.60 8.45
C GLU B 249 10.33 -8.78 8.32
N ILE B 250 10.43 -7.54 7.86
CA ILE B 250 9.20 -6.74 7.76
C ILE B 250 8.40 -7.08 6.50
N GLY B 251 8.96 -7.92 5.64
CA GLY B 251 8.23 -8.35 4.45
C GLY B 251 8.55 -7.56 3.19
N TYR B 252 9.64 -6.79 3.20
CA TYR B 252 9.99 -6.05 2.00
C TYR B 252 10.63 -7.00 1.00
N ARG B 253 9.96 -7.14 -0.13
CA ARG B 253 10.43 -7.98 -1.23
C ARG B 253 10.95 -7.25 -2.49
N GLY B 254 10.87 -5.93 -2.47
CA GLY B 254 11.11 -5.13 -3.67
C GLY B 254 12.59 -4.94 -4.00
N PRO B 255 12.90 -4.01 -4.93
CA PRO B 255 14.29 -3.88 -5.39
C PRO B 255 15.25 -3.32 -4.34
N LEU B 256 16.52 -3.73 -4.43
CA LEU B 256 17.54 -3.10 -3.61
C LEU B 256 18.32 -2.15 -4.52
N THR B 257 18.08 -0.85 -4.36
CA THR B 257 18.65 0.13 -5.28
C THR B 257 19.91 0.71 -4.70
N ILE B 258 21.03 0.45 -5.35
CA ILE B 258 22.30 1.04 -4.97
C ILE B 258 22.33 2.52 -5.28
N GLU B 259 22.75 3.31 -4.30
CA GLU B 259 22.95 4.73 -4.53
C GLU B 259 24.36 5.12 -4.14
N ARG B 260 25.04 5.82 -5.05
CA ARG B 260 26.46 6.12 -4.94
C ARG B 260 26.77 7.34 -5.77
N GLU B 261 27.90 7.98 -5.54
CA GLU B 261 28.36 9.02 -6.47
C GLU B 261 28.86 8.38 -7.77
N LYS B 270 31.81 1.11 -13.02
CA LYS B 270 31.85 -0.35 -13.10
C LYS B 270 32.78 -0.93 -12.02
N LYS B 271 33.55 -0.05 -11.39
CA LYS B 271 34.56 -0.50 -10.42
C LYS B 271 33.97 -0.73 -9.01
N ASP B 272 33.47 0.34 -8.41
CA ASP B 272 32.91 0.36 -7.07
C ASP B 272 31.55 -0.33 -7.12
N LEU B 273 31.02 -0.39 -8.34
CA LEU B 273 29.77 -1.08 -8.63
C LEU B 273 29.95 -2.59 -8.47
N ALA B 274 31.08 -3.12 -8.97
CA ALA B 274 31.36 -4.55 -8.86
C ALA B 274 31.36 -5.03 -7.41
N SER B 275 31.97 -4.24 -6.53
CA SER B 275 32.05 -4.59 -5.11
C SER B 275 30.68 -4.57 -4.42
N ALA B 276 29.88 -3.54 -4.71
CA ALA B 276 28.52 -3.45 -4.16
C ALA B 276 27.62 -4.60 -4.66
N LEU B 277 27.71 -4.91 -5.95
CA LEU B 277 26.94 -6.00 -6.53
C LEU B 277 27.28 -7.34 -5.88
N GLU B 278 28.56 -7.59 -5.70
CA GLU B 278 29.01 -8.82 -5.07
C GLU B 278 28.47 -8.91 -3.63
N LEU B 279 28.58 -7.81 -2.88
CA LEU B 279 28.10 -7.79 -1.50
C LEU B 279 26.58 -8.03 -1.41
N LEU B 280 25.81 -7.35 -2.25
CA LEU B 280 24.35 -7.47 -2.16
C LEU B 280 23.85 -8.83 -2.67
N THR B 281 24.50 -9.33 -3.72
CA THR B 281 24.18 -10.64 -4.28
C THR B 281 24.41 -11.74 -3.25
N GLY B 282 25.49 -11.60 -2.51
CA GLY B 282 25.84 -12.56 -1.46
C GLY B 282 24.86 -12.49 -0.29
N LEU B 283 24.49 -11.29 0.13
CA LEU B 283 23.53 -11.17 1.23
C LEU B 283 22.14 -11.66 0.79
N ARG B 284 21.77 -11.36 -0.45
CA ARG B 284 20.48 -11.84 -0.96
C ARG B 284 20.43 -13.36 -0.99
N LYS B 285 21.51 -13.98 -1.47
CA LYS B 285 21.53 -15.44 -1.53
C LYS B 285 21.37 -16.06 -0.14
N LYS B 286 22.03 -15.48 0.85
CA LYS B 286 21.95 -15.98 2.23
C LYS B 286 20.58 -15.71 2.86
N ILE B 287 20.11 -14.48 2.76
CA ILE B 287 18.86 -14.08 3.40
C ILE B 287 17.58 -14.48 2.66
N ALA B 288 17.53 -14.20 1.36
CA ALA B 288 16.34 -14.44 0.53
C ALA B 288 16.36 -15.77 -0.20
N ASN B 289 17.51 -16.45 -0.14
CA ASN B 289 17.76 -17.66 -0.90
C ASN B 289 17.57 -17.53 -2.42
N CYS B 290 18.03 -16.41 -2.96
CA CYS B 290 18.07 -16.20 -4.42
C CYS B 290 19.08 -15.11 -4.79
#